data_8FLV
#
_entry.id   8FLV
#
_cell.length_a   71.444
_cell.length_b   104.846
_cell.length_c   37.964
_cell.angle_alpha   90.000
_cell.angle_beta   90.000
_cell.angle_gamma   90.000
#
_symmetry.space_group_name_H-M   'P 21 21 2'
#
loop_
_entity.id
_entity.type
_entity.pdbx_description
1 polymer 'Tyrosine-protein kinase BTK'
2 non-polymer 2-(3,5-dichloroanilino)-1-{(3R)-3-[methyl(7H-pyrrolo[2,3-d]pyrimidin-4-yl)amino]piperidin-1-yl}ethan-1-one
3 non-polymer 'DIMETHYL SULFOXIDE'
4 non-polymer DI(HYDROXYETHYL)ETHER
5 water water
#
_entity_poly.entity_id   1
_entity_poly.type   'polypeptide(L)'
_entity_poly.pdbx_seq_one_letter_code
;GPLGSKNAPSTAGLGYGSWEIDPKDLTFLKELGTGQFGVVKYGKWRGQYDVAIKMIKEGSMSEDEFIEEAKVMMNLSHEK
LVQLYGVCTKQRPIFIITEYMANGCLLNYLREMRHRFQTQQLLEMCKDVCEAMEYLESKQFLHRDLAARNCLVNDQGVVK
VSDFGLSRYVLDDEYTSSVGSKFPVRWSPPEVLMYSKFSSKSDIWAFGVLMWEIYSLGKMPYERFTNSETAEHIAQGLRL
YRPHLASEKVYTIMYSCWHEKADERPTFKILLSNILDVMDEES
;
_entity_poly.pdbx_strand_id   A
#
loop_
_chem_comp.id
_chem_comp.type
_chem_comp.name
_chem_comp.formula
DMS non-polymer 'DIMETHYL SULFOXIDE' 'C2 H6 O S'
PEG non-polymer DI(HYDROXYETHYL)ETHER 'C4 H10 O3'
ZB9 non-polymer 2-(3,5-dichloroanilino)-1-{(3R)-3-[methyl(7H-pyrrolo[2,3-d]pyrimidin-4-yl)amino]piperidin-1-yl}ethan-1-one 'C20 H22 Cl2 N6 O'
#
# COMPACT_ATOMS: atom_id res chain seq x y z
N GLY A 17 -10.23 5.31 26.11
CA GLY A 17 -10.54 4.03 25.50
C GLY A 17 -9.30 3.26 25.11
N SER A 18 -9.49 2.00 24.71
CA SER A 18 -8.35 1.16 24.33
C SER A 18 -7.64 1.71 23.10
N TRP A 19 -8.35 2.47 22.27
CA TRP A 19 -7.79 3.04 21.06
C TRP A 19 -7.08 4.36 21.30
N GLU A 20 -7.12 4.89 22.52
CA GLU A 20 -6.63 6.24 22.81
C GLU A 20 -5.29 6.16 23.52
N ILE A 21 -4.29 6.84 22.97
CA ILE A 21 -2.95 6.91 23.55
C ILE A 21 -2.79 8.26 24.23
N ASP A 22 -2.16 8.27 25.40
CA ASP A 22 -1.86 9.51 26.08
C ASP A 22 -0.68 10.17 25.39
N PRO A 23 -0.84 11.36 24.81
CA PRO A 23 0.29 12.02 24.11
C PRO A 23 1.43 12.37 25.04
N LYS A 24 1.17 12.46 26.36
CA LYS A 24 2.24 12.69 27.31
C LYS A 24 3.20 11.50 27.37
N ASP A 25 2.79 10.35 26.85
CA ASP A 25 3.69 9.19 26.82
C ASP A 25 4.64 9.21 25.62
N LEU A 26 4.55 10.21 24.75
CA LEU A 26 5.39 10.27 23.57
C LEU A 26 6.61 11.15 23.83
N THR A 27 7.76 10.71 23.32
CA THR A 27 8.97 11.53 23.21
C THR A 27 9.24 11.68 21.72
N PHE A 28 9.27 12.92 21.24
CA PHE A 28 9.51 13.19 19.81
C PHE A 28 11.01 13.33 19.56
N LEU A 29 11.52 12.57 18.59
CA LEU A 29 12.97 12.49 18.37
C LEU A 29 13.44 13.01 17.02
N LYS A 30 12.73 12.73 15.92
CA LYS A 30 13.20 13.14 14.61
C LYS A 30 12.02 13.28 13.67
N GLU A 31 12.17 14.17 12.67
CA GLU A 31 11.15 14.32 11.65
C GLU A 31 11.34 13.28 10.57
N LEU A 32 10.25 12.62 10.17
CA LEU A 32 10.33 11.63 9.11
C LEU A 32 9.76 12.11 7.78
N GLY A 33 8.91 13.13 7.79
CA GLY A 33 8.43 13.72 6.57
C GLY A 33 7.29 14.70 6.83
N THR A 34 7.03 15.56 5.84
CA THR A 34 5.93 16.51 5.87
C THR A 34 5.28 16.54 4.50
N GLY A 35 3.96 16.57 4.48
CA GLY A 35 3.22 16.61 3.24
C GLY A 35 1.82 17.13 3.45
N GLN A 36 0.94 16.80 2.50
CA GLN A 36 -0.40 17.36 2.50
C GLN A 36 -1.19 16.92 3.73
N PHE A 37 -1.04 15.66 4.16
CA PHE A 37 -1.82 15.16 5.29
C PHE A 37 -1.26 15.60 6.63
N GLY A 38 -0.06 16.16 6.68
CA GLY A 38 0.53 16.49 7.96
C GLY A 38 2.00 16.15 8.09
N VAL A 39 2.44 15.90 9.33
CA VAL A 39 3.86 15.77 9.64
C VAL A 39 4.03 14.43 10.35
N VAL A 40 5.03 13.65 9.94
CA VAL A 40 5.31 12.36 10.56
C VAL A 40 6.62 12.46 11.33
N LYS A 41 6.60 12.03 12.59
CA LYS A 41 7.79 12.07 13.43
C LYS A 41 8.10 10.69 13.99
N TYR A 42 9.39 10.44 14.18
CA TYR A 42 9.86 9.26 14.90
C TYR A 42 9.98 9.60 16.37
N GLY A 43 9.53 8.69 17.22
CA GLY A 43 9.59 8.94 18.64
C GLY A 43 9.55 7.66 19.44
N LYS A 44 9.43 7.81 20.76
CA LYS A 44 9.34 6.69 21.68
C LYS A 44 8.04 6.79 22.46
N TRP A 45 7.44 5.64 22.74
CA TRP A 45 6.28 5.55 23.62
C TRP A 45 6.73 4.98 24.96
N ARG A 46 6.45 5.73 26.04
CA ARG A 46 6.87 5.36 27.39
C ARG A 46 8.34 5.00 27.45
N GLY A 47 9.16 5.82 26.78
CA GLY A 47 10.59 5.76 26.84
C GLY A 47 11.25 4.62 26.10
N GLN A 48 10.51 3.58 25.74
CA GLN A 48 11.12 2.33 25.31
C GLN A 48 10.79 1.92 23.89
N TYR A 49 9.57 2.18 23.43
CA TYR A 49 9.07 1.56 22.21
C TYR A 49 9.08 2.53 21.04
N ASP A 50 9.69 2.11 19.93
CA ASP A 50 9.74 2.96 18.75
C ASP A 50 8.35 3.12 18.15
N VAL A 51 8.00 4.35 17.77
CA VAL A 51 6.73 4.61 17.11
C VAL A 51 6.93 5.65 16.02
N ALA A 52 6.00 5.66 15.06
CA ALA A 52 5.85 6.77 14.14
C ALA A 52 4.63 7.57 14.60
N ILE A 53 4.77 8.88 14.70
CA ILE A 53 3.71 9.76 15.18
C ILE A 53 3.26 10.63 14.01
N LYS A 54 2.04 10.41 13.52
CA LYS A 54 1.50 11.17 12.41
C LYS A 54 0.62 12.29 12.96
N MET A 55 0.99 13.54 12.67
CA MET A 55 0.31 14.72 13.18
C MET A 55 -0.53 15.26 12.04
N ILE A 56 -1.85 15.09 12.16
CA ILE A 56 -2.77 15.26 11.03
C ILE A 56 -3.08 16.74 10.83
N LYS A 57 -2.82 17.23 9.61
CA LYS A 57 -3.16 18.62 9.28
C LYS A 57 -4.66 18.82 9.38
N GLU A 58 -5.06 19.88 10.07
CA GLU A 58 -6.49 20.18 10.22
C GLU A 58 -7.14 20.34 8.85
N GLY A 59 -8.31 19.73 8.70
CA GLY A 59 -9.09 19.80 7.48
C GLY A 59 -8.74 18.77 6.43
N SER A 60 -7.72 17.97 6.64
CA SER A 60 -7.35 16.99 5.61
C SER A 60 -8.12 15.68 5.71
N MET A 61 -8.64 15.32 6.88
N MET A 61 -8.68 15.35 6.88
N MET A 61 -8.66 15.34 6.88
CA MET A 61 -9.29 14.04 7.10
CA MET A 61 -9.29 14.05 7.09
CA MET A 61 -9.28 14.03 7.07
C MET A 61 -10.66 14.22 7.74
C MET A 61 -10.63 14.19 7.77
C MET A 61 -10.62 14.17 7.79
N SER A 62 -11.51 13.22 7.54
CA SER A 62 -12.78 13.10 8.24
C SER A 62 -12.47 12.39 9.56
N GLU A 63 -12.19 13.18 10.61
CA GLU A 63 -11.54 12.64 11.80
C GLU A 63 -12.46 11.75 12.62
N ASP A 64 -13.72 12.14 12.80
CA ASP A 64 -14.62 11.31 13.60
C ASP A 64 -14.85 9.95 12.93
N GLU A 65 -15.01 9.95 11.61
CA GLU A 65 -15.14 8.68 10.90
C GLU A 65 -13.87 7.85 11.04
N PHE A 66 -12.70 8.50 10.91
CA PHE A 66 -11.46 7.73 11.05
C PHE A 66 -11.35 7.12 12.43
N ILE A 67 -11.64 7.90 13.48
CA ILE A 67 -11.53 7.41 14.85
C ILE A 67 -12.41 6.18 15.06
N GLU A 68 -13.64 6.21 14.53
CA GLU A 68 -14.51 5.04 14.64
C GLU A 68 -13.89 3.84 13.95
N GLU A 69 -13.33 4.04 12.77
CA GLU A 69 -12.72 2.94 12.03
C GLU A 69 -11.43 2.47 12.68
N ALA A 70 -10.71 3.38 13.34
CA ALA A 70 -9.48 3.00 14.04
C ALA A 70 -9.72 1.85 15.01
N LYS A 71 -10.90 1.79 15.60
CA LYS A 71 -11.23 0.70 16.51
C LYS A 71 -11.16 -0.65 15.79
N VAL A 72 -11.68 -0.73 14.58
CA VAL A 72 -11.56 -1.94 13.77
C VAL A 72 -10.12 -2.15 13.31
N MET A 73 -9.47 -1.08 12.87
CA MET A 73 -8.12 -1.22 12.27
C MET A 73 -7.13 -1.79 13.30
N MET A 74 -7.34 -1.46 14.55
CA MET A 74 -6.39 -1.88 15.58
C MET A 74 -6.47 -3.37 15.85
N ASN A 75 -7.63 -3.98 15.62
CA ASN A 75 -7.78 -5.43 15.75
C ASN A 75 -7.23 -6.19 14.56
N LEU A 76 -6.78 -5.50 13.51
CA LEU A 76 -6.16 -6.16 12.37
C LEU A 76 -4.68 -6.33 12.69
N SER A 77 -4.31 -7.51 13.16
CA SER A 77 -2.95 -7.79 13.58
C SER A 77 -2.41 -8.87 12.67
N HIS A 78 -1.42 -8.52 11.88
CA HIS A 78 -0.69 -9.47 11.05
C HIS A 78 0.71 -8.91 10.93
N GLU A 79 1.70 -9.81 10.92
CA GLU A 79 3.09 -9.40 10.93
C GLU A 79 3.47 -8.57 9.71
N LYS A 80 2.72 -8.69 8.61
CA LYS A 80 3.05 -7.96 7.39
C LYS A 80 2.16 -6.73 7.18
N LEU A 81 1.36 -6.36 8.17
CA LEU A 81 0.60 -5.10 8.17
C LEU A 81 1.26 -4.15 9.15
N VAL A 82 1.48 -2.90 8.70
CA VAL A 82 1.96 -1.88 9.63
C VAL A 82 0.90 -1.68 10.71
N GLN A 83 1.30 -1.84 11.98
CA GLN A 83 0.33 -1.86 13.07
C GLN A 83 -0.09 -0.46 13.48
N LEU A 84 -1.39 -0.29 13.72
CA LEU A 84 -1.93 0.93 14.28
C LEU A 84 -1.95 0.73 15.80
N TYR A 85 -1.21 1.57 16.52
CA TYR A 85 -1.13 1.47 17.97
C TYR A 85 -2.22 2.22 18.70
N GLY A 86 -2.73 3.30 18.12
CA GLY A 86 -3.76 4.10 18.76
C GLY A 86 -3.79 5.51 18.18
N VAL A 87 -4.66 6.33 18.78
CA VAL A 87 -4.82 7.71 18.35
C VAL A 87 -4.80 8.64 19.56
N CYS A 88 -4.43 9.90 19.34
CA CYS A 88 -4.47 10.96 20.33
C CYS A 88 -5.49 11.99 19.84
N THR A 89 -6.68 11.98 20.42
CA THR A 89 -7.79 12.76 19.87
C THR A 89 -8.25 13.91 20.76
N LYS A 90 -7.56 14.17 21.88
CA LYS A 90 -8.00 15.21 22.80
C LYS A 90 -7.33 16.56 22.54
N GLN A 91 -6.40 16.64 21.59
CA GLN A 91 -5.76 17.90 21.25
C GLN A 91 -5.76 18.08 19.73
N ARG A 92 -5.50 19.31 19.31
CA ARG A 92 -5.39 19.63 17.90
C ARG A 92 -3.96 20.00 17.57
N PRO A 93 -3.34 19.36 16.56
CA PRO A 93 -3.87 18.32 15.67
C PRO A 93 -3.99 16.97 16.38
N ILE A 94 -4.89 16.08 15.94
CA ILE A 94 -4.88 14.71 16.43
C ILE A 94 -3.63 14.00 15.94
N PHE A 95 -3.24 12.96 16.66
CA PHE A 95 -2.10 12.15 16.28
C PHE A 95 -2.59 10.73 15.99
N ILE A 96 -1.95 10.08 15.01
CA ILE A 96 -2.13 8.66 14.75
C ILE A 96 -0.79 7.99 14.99
N ILE A 97 -0.77 6.97 15.84
CA ILE A 97 0.48 6.34 16.29
C ILE A 97 0.57 4.97 15.65
N THR A 98 1.66 4.71 14.92
CA THR A 98 1.81 3.46 14.19
C THR A 98 3.19 2.85 14.42
N GLU A 99 3.34 1.62 13.91
CA GLU A 99 4.63 0.95 13.86
C GLU A 99 5.66 1.79 13.13
N TYR A 100 6.90 1.78 13.65
CA TYR A 100 8.03 2.45 13.02
C TYR A 100 8.74 1.46 12.10
N MET A 101 9.13 1.93 10.92
CA MET A 101 9.61 1.09 9.84
C MET A 101 10.90 1.77 9.33
N ALA A 102 12.04 1.30 9.83
CA ALA A 102 13.27 2.09 9.75
C ALA A 102 13.71 2.42 8.33
N ASN A 103 13.38 1.59 7.35
CA ASN A 103 13.82 1.81 5.97
C ASN A 103 12.82 2.58 5.12
N GLY A 104 11.73 3.08 5.72
CA GLY A 104 10.91 4.03 5.02
C GLY A 104 10.04 3.43 3.94
N CYS A 105 9.70 4.29 2.98
N CYS A 105 9.64 4.29 3.00
CA CYS A 105 8.76 3.97 1.92
CA CYS A 105 8.64 3.91 2.00
C CYS A 105 9.34 2.93 0.97
C CYS A 105 9.24 3.03 0.91
N LEU A 106 8.52 1.94 0.59
CA LEU A 106 8.98 0.93 -0.38
C LEU A 106 9.37 1.55 -1.73
N LEU A 107 8.59 2.52 -2.21
CA LEU A 107 8.88 3.08 -3.54
C LEU A 107 10.28 3.68 -3.58
N ASN A 108 10.65 4.47 -2.57
CA ASN A 108 12.00 5.01 -2.52
C ASN A 108 13.04 3.92 -2.37
N TYR A 109 12.74 2.91 -1.55
CA TYR A 109 13.68 1.82 -1.33
C TYR A 109 13.99 1.08 -2.64
N LEU A 110 12.95 0.82 -3.44
CA LEU A 110 13.14 0.14 -4.71
C LEU A 110 14.00 0.98 -5.64
N ARG A 111 13.88 2.30 -5.55
CA ARG A 111 14.58 3.19 -6.45
C ARG A 111 16.03 3.42 -6.06
N GLU A 112 16.44 2.98 -4.87
CA GLU A 112 17.83 3.08 -4.45
C GLU A 112 18.59 1.92 -5.11
N MET A 113 19.30 2.22 -6.19
CA MET A 113 19.96 1.17 -6.97
C MET A 113 21.10 0.51 -6.18
N ARG A 114 21.58 1.13 -5.10
CA ARG A 114 22.71 0.55 -4.38
C ARG A 114 22.37 -0.82 -3.81
N HIS A 115 21.10 -1.08 -3.49
CA HIS A 115 20.76 -2.37 -2.90
C HIS A 115 21.09 -3.54 -3.81
N ARG A 116 21.15 -3.33 -5.12
CA ARG A 116 21.53 -4.38 -6.05
C ARG A 116 20.73 -5.65 -5.79
N PHE A 117 19.40 -5.51 -5.81
CA PHE A 117 18.55 -6.59 -5.34
C PHE A 117 18.68 -7.83 -6.20
N GLN A 118 18.61 -9.01 -5.56
CA GLN A 118 18.39 -10.24 -6.29
C GLN A 118 16.90 -10.39 -6.56
N THR A 119 16.56 -11.10 -7.65
CA THR A 119 15.13 -11.30 -7.90
C THR A 119 14.47 -12.10 -6.77
N GLN A 120 15.23 -12.95 -6.06
CA GLN A 120 14.63 -13.66 -4.92
C GLN A 120 14.20 -12.67 -3.85
N GLN A 121 14.94 -11.57 -3.69
CA GLN A 121 14.55 -10.51 -2.77
C GLN A 121 13.28 -9.82 -3.24
N LEU A 122 13.20 -9.52 -4.53
CA LEU A 122 12.00 -8.87 -5.07
C LEU A 122 10.77 -9.76 -4.88
N LEU A 123 10.91 -11.08 -5.12
CA LEU A 123 9.79 -12.00 -4.93
C LEU A 123 9.39 -12.06 -3.46
N GLU A 124 10.37 -12.02 -2.55
CA GLU A 124 10.06 -11.99 -1.12
C GLU A 124 9.25 -10.75 -0.75
N MET A 125 9.58 -9.58 -1.33
CA MET A 125 8.75 -8.41 -1.08
C MET A 125 7.33 -8.61 -1.57
N CYS A 126 7.17 -9.25 -2.73
CA CYS A 126 5.83 -9.52 -3.24
C CYS A 126 5.08 -10.45 -2.30
N LYS A 127 5.78 -11.46 -1.76
CA LYS A 127 5.17 -12.38 -0.81
C LYS A 127 4.78 -11.67 0.49
N ASP A 128 5.63 -10.78 1.01
CA ASP A 128 5.27 -10.03 2.21
C ASP A 128 3.94 -9.31 2.00
N VAL A 129 3.85 -8.55 0.90
CA VAL A 129 2.61 -7.82 0.61
C VAL A 129 1.44 -8.79 0.43
N CYS A 130 1.65 -9.86 -0.33
CA CYS A 130 0.56 -10.81 -0.56
C CYS A 130 0.03 -11.43 0.73
N GLU A 131 0.93 -11.72 1.67
CA GLU A 131 0.48 -12.28 2.94
C GLU A 131 -0.39 -11.28 3.69
N ALA A 132 0.02 -10.02 3.72
CA ALA A 132 -0.81 -9.00 4.35
C ALA A 132 -2.17 -8.91 3.67
N MET A 133 -2.18 -8.94 2.33
CA MET A 133 -3.43 -8.81 1.60
C MET A 133 -4.32 -10.04 1.74
N GLU A 134 -3.74 -11.22 1.79
CA GLU A 134 -4.55 -12.40 2.06
C GLU A 134 -5.22 -12.29 3.43
N TYR A 135 -4.51 -11.76 4.41
CA TYR A 135 -5.11 -11.54 5.72
C TYR A 135 -6.24 -10.52 5.65
N LEU A 136 -6.02 -9.38 5.00
CA LEU A 136 -7.11 -8.42 4.86
C LEU A 136 -8.28 -9.02 4.11
N GLU A 137 -8.00 -9.76 3.03
CA GLU A 137 -9.07 -10.44 2.30
C GLU A 137 -9.87 -11.36 3.22
N SER A 138 -9.16 -12.11 4.09
CA SER A 138 -9.85 -13.02 5.00
C SER A 138 -10.74 -12.28 5.98
N LYS A 139 -10.46 -11.00 6.21
CA LYS A 139 -11.26 -10.17 7.11
C LYS A 139 -12.24 -9.28 6.34
N GLN A 140 -12.35 -9.47 5.03
CA GLN A 140 -13.25 -8.68 4.17
C GLN A 140 -12.93 -7.19 4.23
N PHE A 141 -11.65 -6.85 4.42
CA PHE A 141 -11.19 -5.48 4.52
C PHE A 141 -10.44 -5.11 3.25
N LEU A 142 -10.87 -4.06 2.57
CA LEU A 142 -10.19 -3.60 1.36
C LEU A 142 -9.11 -2.59 1.69
N HIS A 143 -8.00 -2.66 0.96
CA HIS A 143 -6.99 -1.62 1.10
C HIS A 143 -7.47 -0.32 0.48
N ARG A 144 -7.94 -0.38 -0.76
CA ARG A 144 -8.49 0.68 -1.59
C ARG A 144 -7.44 1.62 -2.21
N ASP A 145 -6.17 1.55 -1.80
CA ASP A 145 -5.09 2.29 -2.47
C ASP A 145 -3.77 1.54 -2.41
N LEU A 146 -3.78 0.25 -2.77
CA LEU A 146 -2.56 -0.54 -2.69
C LEU A 146 -1.58 -0.14 -3.81
N ALA A 147 -0.34 0.14 -3.43
CA ALA A 147 0.70 0.60 -4.33
C ALA A 147 2.00 0.66 -3.53
N ALA A 148 3.12 0.69 -4.24
CA ALA A 148 4.41 0.68 -3.54
C ALA A 148 4.56 1.86 -2.60
N ARG A 149 4.01 3.02 -2.97
CA ARG A 149 4.11 4.21 -2.13
C ARG A 149 3.40 4.04 -0.79
N ASN A 150 2.49 3.05 -0.69
CA ASN A 150 1.76 2.76 0.55
C ASN A 150 2.26 1.49 1.23
N CYS A 151 3.50 1.11 0.97
CA CYS A 151 4.15 0.04 1.73
C CYS A 151 5.41 0.59 2.38
N LEU A 152 5.83 -0.05 3.47
CA LEU A 152 6.99 0.41 4.23
C LEU A 152 7.93 -0.76 4.41
N VAL A 153 9.18 -0.46 4.79
CA VAL A 153 10.25 -1.45 4.89
C VAL A 153 10.91 -1.30 6.26
N ASN A 154 11.00 -2.40 7.02
CA ASN A 154 11.60 -2.32 8.35
C ASN A 154 13.11 -2.51 8.30
N ASP A 155 13.75 -2.52 9.49
CA ASP A 155 15.20 -2.61 9.54
C ASP A 155 15.74 -3.96 9.09
N GLN A 156 14.87 -4.98 8.99
CA GLN A 156 15.27 -6.29 8.49
C GLN A 156 14.96 -6.45 7.01
N GLY A 157 14.45 -5.41 6.35
CA GLY A 157 14.11 -5.53 4.95
C GLY A 157 12.74 -6.13 4.71
N VAL A 158 11.95 -6.35 5.76
CA VAL A 158 10.60 -6.88 5.62
C VAL A 158 9.69 -5.77 5.13
N VAL A 159 8.85 -6.08 4.12
CA VAL A 159 7.89 -5.10 3.59
C VAL A 159 6.57 -5.32 4.27
N LYS A 160 5.92 -4.22 4.67
CA LYS A 160 4.60 -4.29 5.28
C LYS A 160 3.68 -3.28 4.61
N VAL A 161 2.39 -3.60 4.61
CA VAL A 161 1.38 -2.81 3.94
C VAL A 161 0.88 -1.74 4.91
N SER A 162 0.78 -0.50 4.43
CA SER A 162 0.53 0.69 5.25
C SER A 162 -0.73 1.40 4.78
N ASP A 163 -1.30 2.20 5.68
CA ASP A 163 -2.41 3.10 5.34
C ASP A 163 -3.58 2.35 4.74
N PHE A 164 -3.83 1.11 5.18
CA PHE A 164 -4.91 0.33 4.59
C PHE A 164 -6.25 0.97 4.94
N GLY A 165 -7.05 1.19 3.90
CA GLY A 165 -8.37 1.77 4.01
C GLY A 165 -8.39 3.27 4.24
N LEU A 166 -7.22 3.90 4.31
CA LEU A 166 -7.18 5.32 4.69
C LEU A 166 -7.92 6.22 3.72
N SER A 167 -7.94 5.88 2.42
CA SER A 167 -8.50 6.79 1.43
C SER A 167 -9.96 7.13 1.69
N ARG A 168 -10.69 6.28 2.42
CA ARG A 168 -12.09 6.55 2.71
C ARG A 168 -12.27 7.83 3.54
N TYR A 169 -11.23 8.28 4.24
CA TYR A 169 -11.32 9.41 5.15
C TYR A 169 -10.57 10.65 4.68
N VAL A 170 -9.98 10.62 3.49
CA VAL A 170 -9.26 11.77 2.96
C VAL A 170 -10.24 12.71 2.28
N LEU A 171 -10.19 14.00 2.66
CA LEU A 171 -11.16 14.97 2.17
C LEU A 171 -10.76 15.63 0.85
N ASP A 172 -9.48 15.52 0.43
CA ASP A 172 -9.00 16.25 -0.74
C ASP A 172 -9.76 15.79 -1.97
N ASP A 173 -10.43 16.74 -2.63
CA ASP A 173 -11.27 16.43 -3.78
C ASP A 173 -10.49 15.82 -4.94
N GLU A 174 -9.20 16.14 -5.07
CA GLU A 174 -8.43 15.60 -6.18
C GLU A 174 -8.13 14.11 -6.02
N TYR A 175 -8.33 13.57 -4.83
CA TYR A 175 -7.99 12.18 -4.53
C TYR A 175 -9.21 11.26 -4.45
N THR A 176 -10.42 11.83 -4.35
CA THR A 176 -11.61 11.05 -3.97
C THR A 176 -12.19 10.21 -5.10
N SER A 177 -12.07 10.64 -6.35
CA SER A 177 -12.77 9.94 -7.41
C SER A 177 -11.87 9.81 -8.64
N SER A 178 -12.33 8.98 -9.58
CA SER A 178 -11.57 8.65 -10.79
C SER A 178 -11.20 9.89 -11.59
N VAL A 179 -11.94 10.99 -11.43
CA VAL A 179 -11.66 12.22 -12.18
C VAL A 179 -10.56 13.06 -11.56
N GLY A 180 -10.22 12.80 -10.29
CA GLY A 180 -9.27 13.65 -9.60
C GLY A 180 -7.84 13.45 -10.04
N SER A 181 -7.05 14.51 -9.86
CA SER A 181 -5.64 14.52 -10.25
C SER A 181 -4.78 13.63 -9.39
N LYS A 182 -5.19 13.36 -8.15
CA LYS A 182 -4.42 12.51 -7.26
C LYS A 182 -4.96 11.09 -7.19
N PHE A 183 -6.00 10.76 -7.95
CA PHE A 183 -6.57 9.42 -7.91
C PHE A 183 -5.60 8.41 -8.52
N PRO A 184 -5.44 7.20 -7.90
CA PRO A 184 -4.47 6.20 -8.42
C PRO A 184 -4.96 5.49 -9.67
N VAL A 185 -5.06 6.26 -10.76
CA VAL A 185 -5.51 5.72 -12.04
C VAL A 185 -4.66 4.53 -12.46
N ARG A 186 -3.33 4.64 -12.30
CA ARG A 186 -2.47 3.61 -12.83
C ARG A 186 -2.53 2.31 -12.03
N TRP A 187 -3.21 2.30 -10.88
CA TRP A 187 -3.38 1.10 -10.06
C TRP A 187 -4.82 0.60 -10.08
N SER A 188 -5.64 1.06 -11.03
CA SER A 188 -7.09 0.84 -11.01
C SER A 188 -7.58 0.02 -12.20
N PRO A 189 -8.47 -0.93 -11.95
CA PRO A 189 -9.02 -1.78 -13.01
C PRO A 189 -10.08 -1.03 -13.81
N PRO A 190 -10.43 -1.53 -14.99
CA PRO A 190 -11.39 -0.81 -15.83
C PRO A 190 -12.71 -0.52 -15.12
N GLU A 191 -13.19 -1.45 -14.29
CA GLU A 191 -14.48 -1.22 -13.64
C GLU A 191 -14.41 -0.11 -12.59
N VAL A 192 -13.24 0.15 -12.01
CA VAL A 192 -13.09 1.32 -11.14
C VAL A 192 -13.07 2.60 -11.97
N LEU A 193 -12.26 2.62 -13.03
CA LEU A 193 -12.14 3.83 -13.86
C LEU A 193 -13.47 4.19 -14.52
N MET A 194 -14.22 3.18 -14.98
CA MET A 194 -15.45 3.46 -15.72
C MET A 194 -16.66 3.65 -14.81
N TYR A 195 -16.74 2.89 -13.71
CA TYR A 195 -17.99 2.78 -12.96
C TYR A 195 -17.84 2.97 -11.46
N SER A 196 -16.63 3.20 -10.94
CA SER A 196 -16.38 3.29 -9.49
C SER A 196 -16.73 1.99 -8.76
N LYS A 197 -16.54 0.84 -9.38
CA LYS A 197 -16.85 -0.45 -8.74
C LYS A 197 -15.62 -0.97 -8.01
N PHE A 198 -15.57 -0.73 -6.70
CA PHE A 198 -14.49 -1.23 -5.85
C PHE A 198 -14.87 -2.57 -5.25
N SER A 199 -13.90 -3.47 -5.15
CA SER A 199 -14.14 -4.80 -4.61
C SER A 199 -12.81 -5.41 -4.25
N SER A 200 -12.85 -6.65 -3.74
CA SER A 200 -11.60 -7.39 -3.55
C SER A 200 -10.79 -7.43 -4.85
N LYS A 201 -11.49 -7.52 -5.98
CA LYS A 201 -10.80 -7.64 -7.26
C LYS A 201 -10.14 -6.35 -7.74
N SER A 202 -10.52 -5.18 -7.19
CA SER A 202 -9.74 -4.00 -7.49
C SER A 202 -8.47 -3.94 -6.66
N ASP A 203 -8.49 -4.50 -5.45
CA ASP A 203 -7.26 -4.70 -4.71
C ASP A 203 -6.36 -5.69 -5.43
N ILE A 204 -6.94 -6.73 -6.03
CA ILE A 204 -6.16 -7.72 -6.78
C ILE A 204 -5.43 -7.04 -7.94
N TRP A 205 -6.17 -6.24 -8.71
CA TRP A 205 -5.55 -5.54 -9.83
C TRP A 205 -4.40 -4.67 -9.37
N ALA A 206 -4.63 -3.88 -8.31
CA ALA A 206 -3.60 -3.01 -7.79
C ALA A 206 -2.38 -3.81 -7.34
N PHE A 207 -2.60 -4.98 -6.73
CA PHE A 207 -1.48 -5.83 -6.33
C PHE A 207 -0.61 -6.23 -7.52
N GLY A 208 -1.25 -6.56 -8.65
CA GLY A 208 -0.49 -6.92 -9.83
C GLY A 208 0.38 -5.76 -10.30
N VAL A 209 -0.18 -4.54 -10.25
CA VAL A 209 0.63 -3.35 -10.54
C VAL A 209 1.76 -3.18 -9.54
N LEU A 210 1.49 -3.44 -8.26
N LEU A 210 1.49 -3.41 -8.25
CA LEU A 210 2.55 -3.34 -7.26
CA LEU A 210 2.56 -3.34 -7.27
C LEU A 210 3.66 -4.36 -7.53
C LEU A 210 3.66 -4.35 -7.57
N MET A 211 3.29 -5.58 -7.92
CA MET A 211 4.30 -6.55 -8.36
C MET A 211 5.15 -5.99 -9.50
N TRP A 212 4.48 -5.35 -10.46
CA TRP A 212 5.18 -4.71 -11.57
C TRP A 212 6.12 -3.60 -11.09
N GLU A 213 5.66 -2.77 -10.13
CA GLU A 213 6.53 -1.74 -9.56
C GLU A 213 7.78 -2.37 -8.93
N ILE A 214 7.58 -3.46 -8.17
CA ILE A 214 8.70 -4.11 -7.49
C ILE A 214 9.72 -4.62 -8.51
N TYR A 215 9.25 -5.35 -9.52
CA TYR A 215 10.18 -5.93 -10.48
C TYR A 215 10.75 -4.90 -11.44
N SER A 216 10.13 -3.73 -11.53
N SER A 216 10.16 -3.73 -11.53
CA SER A 216 10.68 -2.64 -12.33
CA SER A 216 10.71 -2.65 -12.33
C SER A 216 11.54 -1.67 -11.50
C SER A 216 11.57 -1.69 -11.51
N LEU A 217 11.86 -2.03 -10.26
CA LEU A 217 12.68 -1.20 -9.38
C LEU A 217 12.11 0.21 -9.21
N GLY A 218 10.78 0.29 -9.12
CA GLY A 218 10.14 1.54 -8.81
C GLY A 218 9.84 2.47 -9.98
N LYS A 219 9.87 1.96 -11.22
CA LYS A 219 9.41 2.75 -12.36
C LYS A 219 7.94 3.10 -12.17
N MET A 220 7.53 4.25 -12.70
N MET A 220 7.53 4.26 -12.67
CA MET A 220 6.12 4.60 -12.74
CA MET A 220 6.11 4.58 -12.69
C MET A 220 5.40 3.68 -13.72
C MET A 220 5.40 3.68 -13.71
N PRO A 221 4.30 3.04 -13.33
CA PRO A 221 3.55 2.23 -14.30
C PRO A 221 3.05 3.10 -15.45
N TYR A 222 3.11 2.56 -16.68
CA TYR A 222 2.74 3.29 -17.90
C TYR A 222 3.53 4.61 -17.98
N GLU A 223 4.86 4.52 -17.83
CA GLU A 223 5.62 5.71 -17.52
C GLU A 223 5.56 6.76 -18.63
N ARG A 224 5.35 6.34 -19.88
CA ARG A 224 5.30 7.31 -20.97
C ARG A 224 3.92 7.95 -21.16
N PHE A 225 2.90 7.51 -20.40
CA PHE A 225 1.52 7.95 -20.60
C PHE A 225 1.08 8.89 -19.49
N THR A 226 0.10 9.75 -19.80
CA THR A 226 -0.62 10.49 -18.78
C THR A 226 -1.67 9.56 -18.15
N ASN A 227 -2.31 10.04 -17.08
CA ASN A 227 -3.42 9.28 -16.49
C ASN A 227 -4.54 9.05 -17.50
N SER A 228 -4.90 10.08 -18.27
CA SER A 228 -5.97 9.92 -19.25
C SER A 228 -5.59 8.90 -20.31
N GLU A 229 -4.34 8.94 -20.77
CA GLU A 229 -3.88 7.96 -21.76
C GLU A 229 -3.87 6.56 -21.17
N THR A 230 -3.48 6.44 -19.89
CA THR A 230 -3.48 5.13 -19.24
C THR A 230 -4.89 4.56 -19.18
N ALA A 231 -5.88 5.39 -18.81
CA ALA A 231 -7.25 4.91 -18.72
C ALA A 231 -7.75 4.42 -20.08
N GLU A 232 -7.42 5.16 -21.15
CA GLU A 232 -7.77 4.73 -22.51
C GLU A 232 -7.09 3.41 -22.87
N HIS A 233 -5.78 3.31 -22.60
CA HIS A 233 -5.02 2.08 -22.81
C HIS A 233 -5.70 0.89 -22.16
N ILE A 234 -6.03 1.01 -20.87
CA ILE A 234 -6.63 -0.09 -20.12
C ILE A 234 -8.00 -0.43 -20.67
N ALA A 235 -8.79 0.60 -21.01
CA ALA A 235 -10.13 0.38 -21.55
C ALA A 235 -10.07 -0.40 -22.85
N GLN A 236 -9.05 -0.15 -23.67
CA GLN A 236 -8.85 -0.88 -24.91
C GLN A 236 -8.35 -2.31 -24.69
N GLY A 237 -8.15 -2.74 -23.46
CA GLY A 237 -7.70 -4.10 -23.18
C GLY A 237 -6.22 -4.29 -23.20
N LEU A 238 -5.44 -3.22 -23.32
CA LEU A 238 -3.99 -3.30 -23.32
C LEU A 238 -3.47 -3.19 -21.89
N ARG A 239 -2.21 -3.58 -21.71
CA ARG A 239 -1.70 -3.84 -20.36
C ARG A 239 -0.24 -3.41 -20.25
N LEU A 240 0.24 -3.39 -19.01
CA LEU A 240 1.68 -3.31 -18.80
C LEU A 240 2.32 -4.55 -19.40
N TYR A 241 3.61 -4.46 -19.71
CA TYR A 241 4.31 -5.65 -20.17
C TYR A 241 5.45 -5.99 -19.22
N ARG A 242 6.21 -7.00 -19.59
CA ARG A 242 7.05 -7.70 -18.62
C ARG A 242 8.25 -6.87 -18.17
N PRO A 243 8.42 -6.61 -16.88
CA PRO A 243 9.68 -6.01 -16.42
C PRO A 243 10.84 -6.95 -16.75
N HIS A 244 11.97 -6.35 -17.08
CA HIS A 244 13.15 -7.13 -17.43
C HIS A 244 13.53 -8.13 -16.35
N LEU A 245 13.33 -7.77 -15.08
CA LEU A 245 13.74 -8.66 -13.99
C LEU A 245 12.72 -9.75 -13.67
N ALA A 246 11.52 -9.71 -14.25
CA ALA A 246 10.51 -10.72 -13.97
C ALA A 246 10.69 -11.92 -14.88
N SER A 247 10.75 -13.11 -14.28
CA SER A 247 10.70 -14.34 -15.06
C SER A 247 9.33 -14.52 -15.72
N GLU A 248 9.25 -15.47 -16.64
N GLU A 248 9.26 -15.48 -16.64
CA GLU A 248 7.98 -15.74 -17.30
CA GLU A 248 8.00 -15.77 -17.30
C GLU A 248 6.91 -16.13 -16.28
C GLU A 248 6.91 -16.14 -16.29
N LYS A 249 7.27 -16.94 -15.29
CA LYS A 249 6.28 -17.34 -14.28
C LYS A 249 5.84 -16.16 -13.42
N VAL A 250 6.79 -15.30 -13.04
CA VAL A 250 6.42 -14.11 -12.27
C VAL A 250 5.49 -13.21 -13.09
N TYR A 251 5.80 -13.01 -14.37
CA TYR A 251 4.96 -12.17 -15.23
C TYR A 251 3.56 -12.76 -15.34
N THR A 252 3.46 -14.08 -15.45
CA THR A 252 2.14 -14.71 -15.50
C THR A 252 1.32 -14.40 -14.24
N ILE A 253 1.97 -14.38 -13.07
CA ILE A 253 1.26 -14.06 -11.83
C ILE A 253 0.74 -12.64 -11.86
N MET A 254 1.62 -11.67 -12.14
CA MET A 254 1.16 -10.28 -12.20
C MET A 254 0.12 -10.07 -13.28
N TYR A 255 0.31 -10.68 -14.46
CA TYR A 255 -0.66 -10.50 -15.54
C TYR A 255 -2.03 -11.06 -15.17
N SER A 256 -2.07 -12.14 -14.37
CA SER A 256 -3.36 -12.72 -14.00
C SER A 256 -4.21 -11.76 -13.20
N CYS A 257 -3.59 -10.79 -12.54
CA CYS A 257 -4.32 -9.79 -11.77
C CYS A 257 -5.08 -8.83 -12.65
N TRP A 258 -4.85 -8.84 -13.97
CA TRP A 258 -5.35 -7.80 -14.85
C TRP A 258 -6.40 -8.29 -15.83
N HIS A 259 -7.06 -9.40 -15.54
N HIS A 259 -7.06 -9.41 -15.55
CA HIS A 259 -8.15 -9.84 -16.40
CA HIS A 259 -8.13 -9.84 -16.43
C HIS A 259 -9.19 -8.74 -16.49
C HIS A 259 -9.20 -8.76 -16.49
N GLU A 260 -9.71 -8.50 -17.70
CA GLU A 260 -10.75 -7.49 -17.87
C GLU A 260 -11.96 -7.83 -17.00
N LYS A 261 -12.33 -9.10 -16.94
CA LYS A 261 -13.43 -9.54 -16.08
C LYS A 261 -12.92 -9.73 -14.66
N ALA A 262 -13.48 -8.97 -13.72
CA ALA A 262 -13.01 -9.02 -12.34
C ALA A 262 -13.14 -10.42 -11.73
N ASP A 263 -14.21 -11.13 -12.08
CA ASP A 263 -14.44 -12.45 -11.51
C ASP A 263 -13.44 -13.49 -12.02
N GLU A 264 -12.69 -13.19 -13.08
CA GLU A 264 -11.66 -14.09 -13.56
C GLU A 264 -10.32 -13.86 -12.89
N ARG A 265 -10.19 -12.81 -12.09
CA ARG A 265 -8.97 -12.54 -11.36
C ARG A 265 -8.85 -13.45 -10.13
N PRO A 266 -7.63 -13.83 -9.78
CA PRO A 266 -7.45 -14.73 -8.62
C PRO A 266 -7.79 -14.02 -7.32
N THR A 267 -7.82 -14.82 -6.25
CA THR A 267 -7.85 -14.28 -4.89
C THR A 267 -6.43 -14.11 -4.38
N PHE A 268 -6.30 -13.44 -3.23
CA PHE A 268 -4.97 -13.32 -2.63
C PHE A 268 -4.46 -14.66 -2.13
N LYS A 269 -5.35 -15.55 -1.73
CA LYS A 269 -4.91 -16.89 -1.33
C LYS A 269 -4.28 -17.64 -2.51
N ILE A 270 -4.88 -17.53 -3.70
CA ILE A 270 -4.32 -18.16 -4.88
C ILE A 270 -3.00 -17.51 -5.27
N LEU A 271 -2.97 -16.17 -5.28
CA LEU A 271 -1.73 -15.46 -5.58
C LEU A 271 -0.62 -15.87 -4.63
N LEU A 272 -0.93 -16.01 -3.33
CA LEU A 272 0.10 -16.41 -2.38
C LEU A 272 0.64 -17.80 -2.70
N SER A 273 -0.26 -18.74 -3.00
CA SER A 273 0.15 -20.07 -3.45
C SER A 273 1.03 -19.99 -4.68
N ASN A 274 0.64 -19.15 -5.66
CA ASN A 274 1.42 -19.02 -6.87
C ASN A 274 2.81 -18.48 -6.58
N ILE A 275 2.89 -17.47 -5.70
CA ILE A 275 4.16 -16.84 -5.37
C ILE A 275 5.06 -17.81 -4.61
N LEU A 276 4.47 -18.58 -3.68
CA LEU A 276 5.27 -19.56 -2.95
C LEU A 276 5.80 -20.64 -3.89
N ASP A 277 4.97 -21.07 -4.86
CA ASP A 277 5.43 -22.05 -5.85
C ASP A 277 6.63 -21.53 -6.64
N VAL A 278 6.57 -20.26 -7.09
CA VAL A 278 7.68 -19.70 -7.86
C VAL A 278 8.93 -19.53 -6.99
N MET A 279 8.74 -19.17 -5.72
N MET A 279 8.75 -19.12 -5.73
CA MET A 279 9.88 -19.06 -4.81
CA MET A 279 9.88 -19.07 -4.81
C MET A 279 10.63 -20.38 -4.69
C MET A 279 10.63 -20.39 -4.76
N ASP A 280 9.90 -21.50 -4.71
CA ASP A 280 10.55 -22.80 -4.65
C ASP A 280 11.27 -23.11 -5.94
N GLU A 281 10.66 -22.77 -7.07
CA GLU A 281 11.25 -23.05 -8.37
C GLU A 281 12.51 -22.24 -8.59
N GLU A 282 12.55 -21.02 -8.07
CA GLU A 282 13.59 -20.06 -8.39
C GLU A 282 14.61 -19.91 -7.27
N SER A 283 14.63 -20.83 -6.31
CA SER A 283 15.65 -20.82 -5.27
C SER A 283 16.76 -21.81 -5.59
N1 ZB9 B . 9.05 5.95 8.15
N3 ZB9 B . 5.80 4.42 10.03
C4 ZB9 B . 6.99 4.86 9.49
C5 ZB9 B . 5.27 5.84 8.38
C6 ZB9 B . 4.78 5.02 9.34
C7 ZB9 B . 8.90 7.96 6.33
C8 ZB9 B . 6.55 7.31 5.86
C10 ZB9 B . 5.62 7.41 3.52
C13 ZB9 B . 3.36 8.48 5.81
C15 ZB9 B . 0.33 9.26 6.32
C17 ZB9 B . 0.31 11.36 7.45
C20 ZB9 B . -0.96 9.01 6.78
C1 ZB9 B . 9.18 5.10 9.17
C11 ZB9 B . 4.91 8.69 3.91
C12 ZB9 B . 5.79 8.59 6.18
C14 ZB9 B . 2.20 8.58 4.84
C16 ZB9 B . 0.96 10.45 6.64
C18 ZB9 B . -0.97 11.14 7.93
C19 ZB9 B . -1.57 9.94 7.60
C2 ZB9 B . 7.81 6.30 7.74
C3 ZB9 B . 6.69 5.76 8.44
C9 ZB9 B . 6.88 7.23 4.37
N2 ZB9 B . 8.22 4.51 9.88
N4 ZB9 B . 7.74 7.17 6.71
N5 ZB9 B . 4.60 8.64 5.34
N6 ZB9 B . 0.95 8.35 5.52
O1 ZB9 B . 3.15 8.20 7.00
CL1 ZB9 B . -3.17 9.62 8.18
CL2 ZB9 B . 1.09 12.84 7.88
S DMS C . 17.19 3.95 3.27
O DMS C . 16.92 2.58 2.75
C1 DMS C . 17.03 3.91 5.08
C2 DMS C . 15.82 5.08 2.84
S DMS D . 1.73 -23.47 -1.28
O DMS D . 3.17 -23.28 -0.87
C1 DMS D . 0.56 -22.17 -0.86
C2 DMS D . 1.55 -23.48 -3.06
S DMS E . 11.02 15.70 22.92
O DMS E . 9.69 14.98 23.11
C1 DMS E . 12.23 15.26 24.19
C2 DMS E . 10.90 17.46 23.30
C1 PEG F . -2.70 6.02 9.08
O1 PEG F . -1.36 5.65 8.72
C2 PEG F . -3.48 4.84 9.59
O2 PEG F . -3.89 3.99 8.52
C3 PEG F . -4.14 2.65 8.93
C4 PEG F . -3.08 1.73 8.40
O4 PEG F . -2.01 1.54 9.33
#